data_2VG1
#
_entry.id   2VG1
#
_cell.length_a   58.827
_cell.length_b   74.092
_cell.length_c   103.266
_cell.angle_alpha   90.00
_cell.angle_beta   90.00
_cell.angle_gamma   90.00
#
_symmetry.space_group_name_H-M   'P 21 21 21'
#
loop_
_entity.id
_entity.type
_entity.pdbx_description
1 polymer 'SHORT-CHAIN Z-ISOPRENYL DIPHOSPHATE SYNTHETASE'
2 non-polymer 'PHOSPHATE ION'
3 non-polymer GLYCEROL
4 non-polymer 'FARNESYL DIPHOSPHATE'
5 water water
#
_entity_poly.entity_id   1
_entity_poly.type   'polypeptide(L)'
_entity_poly.pdbx_seq_one_letter_code
;SDLPRHIAVLCDGNRRWARSAGYDDVSYGYRMGAAKIAEMLRWCHEAGIELATVYLLSTENLQRDPDELAALIEIITDVV
EEICAPANHWSVRTVGDLGLIGEEPARRLRGAVESTPEVASFHVNVAVGYGGRREIVDAVRALLSKELANGATAEELVDA
VTVEGISENLYTSGQPDPDLVIRTSGEQRLSGFLLWQSAYSEMWFTEAHWPAFRHVDFLRALRDYSAR
;
_entity_poly.pdbx_strand_id   A,B
#
loop_
_chem_comp.id
_chem_comp.type
_chem_comp.name
_chem_comp.formula
FPP non-polymer 'FARNESYL DIPHOSPHATE' 'C15 H28 O7 P2'
GOL non-polymer GLYCEROL 'C3 H8 O3'
PO4 non-polymer 'PHOSPHATE ION' 'O4 P -3'
#
# COMPACT_ATOMS: atom_id res chain seq x y z
N SER A 1 -6.68 -15.26 -15.52
CA SER A 1 -7.65 -14.17 -15.83
C SER A 1 -8.53 -13.92 -14.60
N ASP A 2 -9.46 -14.85 -14.37
CA ASP A 2 -10.27 -14.86 -13.16
C ASP A 2 -9.45 -15.37 -11.97
N LEU A 3 -8.24 -15.85 -12.23
CA LEU A 3 -7.39 -16.46 -11.22
C LEU A 3 -6.16 -15.60 -10.96
N PRO A 4 -5.81 -15.38 -9.69
CA PRO A 4 -4.57 -14.63 -9.46
C PRO A 4 -3.36 -15.37 -9.98
N ARG A 5 -2.42 -14.63 -10.57
N ARG A 5 -2.41 -14.62 -10.55
CA ARG A 5 -1.09 -15.15 -10.89
CA ARG A 5 -1.10 -15.18 -10.88
C ARG A 5 -0.28 -15.30 -9.60
C ARG A 5 -0.23 -15.27 -9.63
N HIS A 6 -0.35 -14.28 -8.76
CA HIS A 6 0.47 -14.18 -7.56
C HIS A 6 -0.46 -13.84 -6.41
N ILE A 7 -0.50 -14.71 -5.40
CA ILE A 7 -1.27 -14.45 -4.18
C ILE A 7 -0.29 -14.21 -3.03
N ALA A 8 -0.56 -13.19 -2.21
CA ALA A 8 0.29 -12.89 -1.05
C ALA A 8 -0.57 -13.02 0.20
N VAL A 9 0.00 -13.60 1.25
CA VAL A 9 -0.76 -13.92 2.47
C VAL A 9 -0.07 -13.36 3.71
N LEU A 10 -0.80 -12.53 4.47
CA LEU A 10 -0.32 -12.05 5.78
C LEU A 10 -0.99 -12.89 6.84
N CYS A 11 -0.20 -13.64 7.59
CA CYS A 11 -0.68 -14.70 8.48
C CYS A 11 -0.84 -14.25 9.92
N ASP A 12 -1.77 -13.33 10.18
CA ASP A 12 -1.95 -12.76 11.51
C ASP A 12 -2.78 -13.66 12.40
N GLY A 13 -2.65 -13.47 13.71
CA GLY A 13 -3.57 -14.03 14.65
C GLY A 13 -3.10 -15.27 15.36
N ASN A 14 -1.84 -15.64 15.15
CA ASN A 14 -1.32 -16.89 15.73
C ASN A 14 -1.40 -16.91 17.25
N ARG A 15 -1.00 -15.81 17.90
CA ARG A 15 -1.01 -15.80 19.36
C ARG A 15 -2.42 -15.71 19.93
N ARG A 16 -3.25 -14.88 19.29
CA ARG A 16 -4.64 -14.74 19.68
C ARG A 16 -5.38 -16.07 19.60
N TRP A 17 -5.12 -16.82 18.53
CA TRP A 17 -5.69 -18.15 18.38
C TRP A 17 -5.28 -19.06 19.54
N ALA A 18 -3.99 -19.05 19.89
CA ALA A 18 -3.51 -19.88 20.98
C ALA A 18 -4.20 -19.51 22.30
N ARG A 19 -4.31 -18.22 22.59
CA ARG A 19 -5.01 -17.78 23.78
C ARG A 19 -6.49 -18.19 23.78
N SER A 20 -7.16 -17.96 22.66
CA SER A 20 -8.57 -18.35 22.51
C SER A 20 -8.75 -19.85 22.77
N ALA A 21 -7.78 -20.66 22.35
CA ALA A 21 -7.81 -22.12 22.55
C ALA A 21 -7.37 -22.55 23.94
N GLY A 22 -6.92 -21.60 24.75
CA GLY A 22 -6.56 -21.86 26.13
C GLY A 22 -5.14 -22.36 26.39
N TYR A 23 -4.27 -22.19 25.40
CA TYR A 23 -2.86 -22.57 25.57
C TYR A 23 -2.10 -21.42 26.21
N ASP A 24 -1.19 -21.73 27.14
CA ASP A 24 -0.36 -20.69 27.78
C ASP A 24 0.89 -20.40 26.96
N ASP A 25 1.27 -21.34 26.10
CA ASP A 25 2.42 -21.22 25.23
C ASP A 25 1.95 -20.83 23.82
N VAL A 26 2.25 -19.60 23.40
CA VAL A 26 1.77 -19.13 22.10
C VAL A 26 2.41 -19.87 20.92
N SER A 27 3.50 -20.61 21.17
CA SER A 27 4.10 -21.41 20.10
C SER A 27 3.11 -22.44 19.56
N TYR A 28 2.10 -22.84 20.35
CA TYR A 28 1.05 -23.74 19.83
C TYR A 28 0.34 -23.08 18.65
N GLY A 29 0.15 -21.77 18.73
CA GLY A 29 -0.45 -21.01 17.64
C GLY A 29 0.43 -20.95 16.40
N TYR A 30 1.71 -20.64 16.59
CA TYR A 30 2.65 -20.62 15.47
C TYR A 30 2.81 -21.99 14.81
N ARG A 31 2.78 -23.04 15.61
CA ARG A 31 2.87 -24.41 15.06
C ARG A 31 1.67 -24.74 14.17
N MET A 32 0.47 -24.34 14.60
CA MET A 32 -0.71 -24.56 13.78
C MET A 32 -0.70 -23.67 12.55
N GLY A 33 -0.23 -22.43 12.71
CA GLY A 33 -0.05 -21.53 11.58
C GLY A 33 0.90 -22.13 10.55
N ALA A 34 1.95 -22.78 11.05
CA ALA A 34 2.91 -23.45 10.17
C ALA A 34 2.24 -24.57 9.36
N ALA A 35 1.39 -25.35 10.01
CA ALA A 35 0.61 -26.37 9.33
C ALA A 35 -0.28 -25.78 8.25
N LYS A 36 -0.91 -24.64 8.56
CA LYS A 36 -1.76 -23.96 7.60
C LYS A 36 -1.00 -23.33 6.43
N ILE A 37 0.23 -22.89 6.64
CA ILE A 37 1.07 -22.46 5.52
C ILE A 37 1.28 -23.60 4.52
N ALA A 38 1.65 -24.77 5.03
CA ALA A 38 1.85 -25.95 4.20
C ALA A 38 0.58 -26.26 3.40
N GLU A 39 -0.57 -26.23 4.06
CA GLU A 39 -1.83 -26.51 3.39
C GLU A 39 -2.14 -25.46 2.32
N MET A 40 -2.01 -24.20 2.68
CA MET A 40 -2.32 -23.08 1.78
C MET A 40 -1.51 -23.16 0.49
N LEU A 41 -0.22 -23.46 0.61
CA LEU A 41 0.64 -23.56 -0.56
C LEU A 41 0.21 -24.71 -1.47
N ARG A 42 -0.16 -25.84 -0.88
CA ARG A 42 -0.72 -26.94 -1.67
C ARG A 42 -1.98 -26.51 -2.41
N TRP A 43 -2.86 -25.79 -1.73
CA TRP A 43 -4.10 -25.28 -2.37
C TRP A 43 -3.77 -24.37 -3.56
N CYS A 44 -2.82 -23.45 -3.36
CA CYS A 44 -2.44 -22.52 -4.44
C CYS A 44 -1.88 -23.26 -5.65
N HIS A 45 -1.00 -24.22 -5.40
CA HIS A 45 -0.38 -24.99 -6.49
C HIS A 45 -1.45 -25.72 -7.30
N GLU A 46 -2.37 -26.35 -6.58
CA GLU A 46 -3.36 -27.18 -7.24
C GLU A 46 -4.39 -26.32 -7.98
N ALA A 47 -4.65 -25.12 -7.46
CA ALA A 47 -5.53 -24.15 -8.11
C ALA A 47 -4.92 -23.51 -9.37
N GLY A 48 -3.62 -23.69 -9.58
CA GLY A 48 -2.96 -23.12 -10.77
C GLY A 48 -2.39 -21.72 -10.56
N ILE A 49 -2.24 -21.34 -9.29
CA ILE A 49 -1.61 -20.07 -8.94
C ILE A 49 -0.13 -20.25 -9.23
N GLU A 50 0.50 -19.26 -9.87
CA GLU A 50 1.91 -19.37 -10.27
C GLU A 50 2.88 -19.07 -9.16
N LEU A 51 2.53 -18.11 -8.30
CA LEU A 51 3.45 -17.65 -7.27
C LEU A 51 2.67 -17.31 -6.00
N ALA A 52 3.18 -17.76 -4.86
CA ALA A 52 2.61 -17.40 -3.56
C ALA A 52 3.66 -16.82 -2.66
N THR A 53 3.35 -15.70 -2.04
CA THR A 53 4.22 -15.10 -1.04
C THR A 53 3.57 -15.21 0.33
N VAL A 54 4.30 -15.76 1.29
CA VAL A 54 3.84 -15.88 2.66
C VAL A 54 4.68 -15.06 3.61
N TYR A 55 4.01 -14.26 4.45
CA TYR A 55 4.67 -13.37 5.39
C TYR A 55 4.97 -14.12 6.68
N LEU A 56 6.21 -14.57 6.81
CA LEU A 56 6.59 -15.38 7.96
C LEU A 56 7.16 -14.56 9.11
N LEU A 57 7.92 -13.50 8.82
CA LEU A 57 8.56 -12.74 9.89
C LEU A 57 8.83 -11.30 9.48
N SER A 58 8.18 -10.37 10.17
CA SER A 58 8.37 -8.95 9.93
C SER A 58 9.52 -8.43 10.78
N THR A 59 10.04 -7.27 10.40
CA THR A 59 11.04 -6.61 11.24
C THR A 59 10.42 -6.25 12.61
N GLU A 60 9.11 -5.94 12.66
CA GLU A 60 8.39 -5.71 13.93
C GLU A 60 8.48 -6.93 14.84
N ASN A 61 8.33 -8.11 14.26
CA ASN A 61 8.35 -9.36 15.02
C ASN A 61 9.69 -9.59 15.72
N LEU A 62 10.77 -9.07 15.13
CA LEU A 62 12.11 -9.30 15.64
C LEU A 62 12.40 -8.55 16.95
N GLN A 63 11.48 -7.69 17.38
CA GLN A 63 11.65 -6.93 18.61
C GLN A 63 11.11 -7.68 19.84
N ARG A 64 10.72 -8.92 19.62
CA ARG A 64 10.03 -9.70 20.63
C ARG A 64 10.98 -10.31 21.66
N ASP A 65 10.42 -10.72 22.79
CA ASP A 65 11.12 -11.53 23.77
C ASP A 65 12.08 -12.50 23.08
N PRO A 66 13.38 -12.44 23.43
CA PRO A 66 14.39 -13.32 22.85
C PRO A 66 13.99 -14.79 22.77
N ASP A 67 13.46 -15.34 23.87
CA ASP A 67 13.15 -16.76 23.94
C ASP A 67 11.94 -17.12 23.08
N GLU A 68 10.90 -16.29 23.12
CA GLU A 68 9.75 -16.54 22.24
C GLU A 68 10.16 -16.36 20.77
N LEU A 69 10.99 -15.35 20.50
CA LEU A 69 11.46 -15.10 19.14
C LEU A 69 12.27 -16.29 18.65
N ALA A 70 13.08 -16.87 19.54
CA ALA A 70 13.92 -18.02 19.16
C ALA A 70 13.09 -19.21 18.71
N ALA A 71 12.08 -19.55 19.51
CA ALA A 71 11.15 -20.63 19.18
C ALA A 71 10.37 -20.35 17.90
N LEU A 72 9.95 -19.10 17.70
CA LEU A 72 9.27 -18.70 16.47
C LEU A 72 10.17 -18.92 15.26
N ILE A 73 11.43 -18.51 15.39
CA ILE A 73 12.38 -18.62 14.29
C ILE A 73 12.65 -20.10 13.98
N GLU A 74 12.69 -20.95 15.01
CA GLU A 74 12.81 -22.39 14.78
C GLU A 74 11.61 -22.95 14.00
N ILE A 75 10.41 -22.52 14.36
CA ILE A 75 9.19 -22.93 13.65
C ILE A 75 9.25 -22.48 12.20
N ILE A 76 9.67 -21.25 11.97
CA ILE A 76 9.79 -20.70 10.61
C ILE A 76 10.79 -21.50 9.80
N THR A 77 11.93 -21.83 10.41
CA THR A 77 12.93 -22.64 9.73
C THR A 77 12.40 -24.03 9.34
N ASP A 78 11.62 -24.67 10.22
CA ASP A 78 10.97 -25.95 9.89
C ASP A 78 9.99 -25.80 8.72
N VAL A 79 9.22 -24.71 8.75
CA VAL A 79 8.27 -24.36 7.68
C VAL A 79 8.97 -24.27 6.32
N VAL A 80 10.07 -23.53 6.28
CA VAL A 80 10.80 -23.32 5.02
C VAL A 80 11.41 -24.64 4.54
N GLU A 81 12.00 -25.40 5.46
CA GLU A 81 12.56 -26.71 5.09
C GLU A 81 11.46 -27.61 4.49
N GLU A 82 10.27 -27.58 5.08
CA GLU A 82 9.10 -28.30 4.55
C GLU A 82 8.67 -27.81 3.16
N ILE A 83 8.64 -26.49 2.97
CA ILE A 83 8.32 -25.88 1.66
C ILE A 83 9.34 -26.33 0.60
N CYS A 84 10.60 -26.45 1.00
CA CYS A 84 11.68 -26.82 0.08
C CYS A 84 11.84 -28.34 -0.15
N ALA A 85 10.96 -29.15 0.42
CA ALA A 85 11.06 -30.61 0.30
C ALA A 85 11.16 -31.02 -1.18
N PRO A 86 12.10 -31.92 -1.53
CA PRO A 86 12.31 -32.29 -2.94
C PRO A 86 11.06 -32.77 -3.70
N ALA A 87 10.15 -33.48 -3.03
CA ALA A 87 8.97 -34.04 -3.69
C ALA A 87 8.02 -32.97 -4.24
N ASN A 88 8.05 -31.78 -3.64
CA ASN A 88 7.20 -30.66 -4.08
C ASN A 88 7.65 -30.08 -5.44
N HIS A 89 8.96 -30.06 -5.68
CA HIS A 89 9.57 -29.41 -6.85
C HIS A 89 9.07 -27.98 -7.03
N TRP A 90 8.99 -27.26 -5.93
CA TRP A 90 8.62 -25.85 -5.95
C TRP A 90 9.90 -25.02 -6.01
N SER A 91 9.86 -23.90 -6.73
CA SER A 91 10.96 -22.97 -6.78
C SER A 91 10.74 -21.96 -5.66
N VAL A 92 11.71 -21.82 -4.77
CA VAL A 92 11.56 -20.98 -3.57
C VAL A 92 12.58 -19.83 -3.56
N ARG A 93 12.13 -18.66 -3.08
CA ARG A 93 12.97 -17.46 -2.95
C ARG A 93 12.74 -16.83 -1.56
N THR A 94 13.81 -16.38 -0.92
CA THR A 94 13.68 -15.58 0.31
C THR A 94 13.44 -14.13 -0.04
N VAL A 95 12.53 -13.51 0.70
CA VAL A 95 12.22 -12.09 0.54
C VAL A 95 12.42 -11.43 1.91
N GLY A 96 13.51 -10.68 2.05
CA GLY A 96 13.90 -10.07 3.32
C GLY A 96 15.35 -10.34 3.67
N ASP A 97 15.73 -10.02 4.91
CA ASP A 97 17.13 -9.98 5.31
C ASP A 97 17.44 -11.05 6.35
N LEU A 98 18.09 -12.13 5.91
CA LEU A 98 18.44 -13.22 6.84
C LEU A 98 19.55 -12.84 7.81
N GLY A 99 20.20 -11.71 7.57
CA GLY A 99 21.14 -11.17 8.55
C GLY A 99 20.49 -10.77 9.88
N LEU A 100 19.16 -10.82 9.95
CA LEU A 100 18.46 -10.38 11.15
C LEU A 100 18.00 -11.52 12.07
N ILE A 101 18.12 -12.78 11.64
CA ILE A 101 17.48 -13.92 12.35
C ILE A 101 18.41 -14.87 13.13
N GLY A 102 19.72 -14.63 13.03
CA GLY A 102 20.73 -15.50 13.60
C GLY A 102 21.37 -16.37 12.55
N GLU A 103 22.65 -16.69 12.74
CA GLU A 103 23.42 -17.34 11.69
C GLU A 103 23.03 -18.80 11.47
N GLU A 104 22.76 -19.54 12.53
CA GLU A 104 22.34 -20.93 12.35
C GLU A 104 21.01 -21.03 11.56
N PRO A 105 19.94 -20.32 11.99
CA PRO A 105 18.73 -20.29 11.16
C PRO A 105 18.95 -19.80 9.73
N ALA A 106 19.74 -18.75 9.55
CA ALA A 106 20.06 -18.24 8.21
C ALA A 106 20.68 -19.32 7.32
N ARG A 107 21.67 -20.03 7.85
CA ARG A 107 22.30 -21.14 7.09
C ARG A 107 21.30 -22.23 6.71
N ARG A 108 20.44 -22.59 7.65
CA ARG A 108 19.42 -23.61 7.39
C ARG A 108 18.42 -23.16 6.32
N LEU A 109 17.96 -21.92 6.43
CA LEU A 109 17.02 -21.36 5.44
C LEU A 109 17.65 -21.24 4.07
N ARG A 110 18.84 -20.64 4.01
CA ARG A 110 19.53 -20.46 2.74
C ARG A 110 19.78 -21.79 2.06
N GLY A 111 20.20 -22.79 2.85
CA GLY A 111 20.50 -24.10 2.30
C GLY A 111 19.28 -24.76 1.70
N ALA A 112 18.16 -24.66 2.43
CA ALA A 112 16.91 -25.23 1.98
C ALA A 112 16.48 -24.56 0.68
N VAL A 113 16.47 -23.23 0.67
CA VAL A 113 16.01 -22.47 -0.50
C VAL A 113 16.93 -22.68 -1.70
N GLU A 114 18.23 -22.78 -1.47
CA GLU A 114 19.18 -22.97 -2.57
C GLU A 114 19.03 -24.35 -3.21
N SER A 115 18.55 -25.33 -2.44
CA SER A 115 18.33 -26.69 -2.94
C SER A 115 17.14 -26.81 -3.92
N THR A 116 16.29 -25.79 -3.97
CA THR A 116 15.09 -25.84 -4.82
C THR A 116 15.42 -25.41 -6.26
N PRO A 117 14.66 -25.91 -7.25
CA PRO A 117 14.93 -25.55 -8.64
C PRO A 117 14.66 -24.09 -8.94
N GLU A 118 15.40 -23.52 -9.90
CA GLU A 118 15.09 -22.17 -10.37
C GLU A 118 13.83 -22.15 -11.23
N VAL A 119 13.64 -23.20 -12.03
CA VAL A 119 12.52 -23.28 -12.95
C VAL A 119 11.51 -24.33 -12.48
N ALA A 120 10.26 -23.91 -12.33
CA ALA A 120 9.22 -24.79 -11.82
C ALA A 120 7.85 -24.23 -12.16
N SER A 121 6.83 -25.06 -12.05
CA SER A 121 5.46 -24.61 -12.34
C SER A 121 4.90 -23.76 -11.21
N PHE A 122 5.37 -23.98 -9.99
CA PHE A 122 4.92 -23.24 -8.81
C PHE A 122 6.12 -22.66 -8.06
N HIS A 123 5.98 -21.39 -7.67
CA HIS A 123 7.01 -20.63 -6.99
C HIS A 123 6.48 -20.13 -5.63
N VAL A 124 7.34 -20.16 -4.61
CA VAL A 124 7.01 -19.66 -3.29
C VAL A 124 8.05 -18.66 -2.83
N ASN A 125 7.59 -17.48 -2.42
CA ASN A 125 8.42 -16.51 -1.74
C ASN A 125 8.16 -16.63 -0.25
N VAL A 126 9.21 -16.77 0.54
CA VAL A 126 9.10 -16.73 1.98
C VAL A 126 9.67 -15.42 2.51
N ALA A 127 8.80 -14.59 3.05
CA ALA A 127 9.19 -13.28 3.57
C ALA A 127 9.61 -13.40 5.03
N VAL A 128 10.91 -13.21 5.25
CA VAL A 128 11.56 -13.37 6.54
C VAL A 128 12.50 -12.20 6.78
N GLY A 129 12.32 -11.49 7.90
CA GLY A 129 13.12 -10.31 8.24
C GLY A 129 12.87 -9.22 7.23
N TYR A 130 11.58 -8.93 7.02
CA TYR A 130 11.13 -8.10 5.92
C TYR A 130 10.43 -6.84 6.41
N GLY A 131 10.66 -5.73 5.71
CA GLY A 131 9.87 -4.51 5.84
C GLY A 131 9.79 -3.83 4.49
N GLY A 132 8.62 -3.28 4.16
CA GLY A 132 8.39 -2.76 2.82
C GLY A 132 9.11 -1.47 2.51
N ARG A 133 9.08 -0.50 3.44
CA ARG A 133 9.84 0.74 3.21
C ARG A 133 11.34 0.42 3.17
N ARG A 134 11.80 -0.45 4.05
CA ARG A 134 13.19 -0.89 4.03
C ARG A 134 13.56 -1.53 2.69
N GLU A 135 12.67 -2.36 2.14
CA GLU A 135 12.94 -3.01 0.86
C GLU A 135 13.15 -1.96 -0.25
N ILE A 136 12.31 -0.93 -0.27
CA ILE A 136 12.47 0.14 -1.26
C ILE A 136 13.81 0.85 -1.11
N VAL A 137 14.16 1.20 0.12
CA VAL A 137 15.43 1.86 0.39
C VAL A 137 16.58 0.98 -0.10
N ASP A 138 16.55 -0.30 0.24
CA ASP A 138 17.61 -1.22 -0.18
C ASP A 138 17.65 -1.43 -1.71
N ALA A 139 16.48 -1.37 -2.36
CA ALA A 139 16.39 -1.41 -3.83
C ALA A 139 17.10 -0.21 -4.45
N VAL A 140 16.81 0.98 -3.94
CA VAL A 140 17.43 2.20 -4.43
C VAL A 140 18.95 2.14 -4.21
N ARG A 141 19.37 1.69 -3.04
CA ARG A 141 20.79 1.54 -2.75
C ARG A 141 21.48 0.58 -3.73
N ALA A 142 20.85 -0.55 -4.03
CA ALA A 142 21.39 -1.51 -4.99
C ALA A 142 21.49 -0.93 -6.38
N LEU A 143 20.47 -0.19 -6.78
CA LEU A 143 20.38 0.46 -8.08
C LEU A 143 21.53 1.46 -8.25
N LEU A 144 21.70 2.33 -7.26
CA LEU A 144 22.75 3.35 -7.28
C LEU A 144 24.16 2.74 -7.26
N SER A 145 24.32 1.65 -6.51
CA SER A 145 25.60 0.92 -6.49
C SER A 145 25.98 0.40 -7.86
N LYS A 146 25.04 -0.23 -8.55
CA LYS A 146 25.28 -0.73 -9.91
C LYS A 146 25.68 0.38 -10.88
N GLU A 147 24.97 1.50 -10.81
CA GLU A 147 25.28 2.65 -11.66
C GLU A 147 26.69 3.17 -11.37
N LEU A 148 27.04 3.27 -10.09
CA LEU A 148 28.37 3.74 -9.72
C LEU A 148 29.43 2.78 -10.26
N ALA A 149 29.21 1.49 -10.07
CA ALA A 149 30.14 0.45 -10.53
C ALA A 149 30.32 0.49 -12.05
N ASN A 150 29.29 0.95 -12.77
CA ASN A 150 29.37 1.13 -14.21
C ASN A 150 29.76 2.55 -14.63
N GLY A 151 30.31 3.31 -13.70
CA GLY A 151 30.94 4.61 -14.00
C GLY A 151 30.07 5.84 -13.96
N ALA A 152 28.91 5.76 -13.30
CA ALA A 152 28.03 6.91 -13.22
C ALA A 152 28.68 8.02 -12.41
N THR A 153 28.47 9.27 -12.85
CA THR A 153 28.85 10.44 -12.06
C THR A 153 27.82 10.70 -10.96
N ALA A 154 28.21 11.48 -9.97
CA ALA A 154 27.29 11.88 -8.89
C ALA A 154 26.02 12.49 -9.47
N GLU A 155 26.19 13.35 -10.46
CA GLU A 155 25.07 14.03 -11.13
C GLU A 155 24.15 13.02 -11.83
N GLU A 156 24.75 12.02 -12.47
CA GLU A 156 23.99 10.95 -13.11
C GLU A 156 23.29 10.04 -12.09
N LEU A 157 23.87 9.85 -10.92
CA LEU A 157 23.22 9.07 -9.86
C LEU A 157 21.92 9.77 -9.46
N VAL A 158 21.97 11.11 -9.38
CA VAL A 158 20.79 11.91 -9.01
C VAL A 158 19.59 11.65 -9.94
N ASP A 159 19.85 11.34 -11.21
CA ASP A 159 18.79 11.08 -12.23
C ASP A 159 18.53 9.60 -12.54
N ALA A 160 19.36 8.71 -12.02
CA ALA A 160 19.28 7.29 -12.38
C ALA A 160 18.03 6.59 -11.84
N VAL A 161 17.45 7.10 -10.74
CA VAL A 161 16.34 6.39 -10.10
C VAL A 161 15.04 6.56 -10.89
N THR A 162 14.45 5.44 -11.26
CA THR A 162 13.20 5.39 -12.01
C THR A 162 12.26 4.36 -11.36
N VAL A 163 10.98 4.42 -11.72
CA VAL A 163 10.03 3.43 -11.22
C VAL A 163 10.51 2.02 -11.62
N GLU A 164 10.89 1.86 -12.88
CA GLU A 164 11.30 0.54 -13.36
C GLU A 164 12.60 0.07 -12.68
N GLY A 165 13.51 1.00 -12.43
CA GLY A 165 14.77 0.69 -11.76
C GLY A 165 14.59 0.20 -10.33
N ILE A 166 13.66 0.81 -9.61
CA ILE A 166 13.33 0.35 -8.27
C ILE A 166 12.72 -1.05 -8.35
N SER A 167 11.72 -1.22 -9.22
CA SER A 167 11.04 -2.51 -9.38
C SER A 167 12.04 -3.63 -9.61
N GLU A 168 13.04 -3.37 -10.46
CA GLU A 168 14.03 -4.36 -10.88
C GLU A 168 15.05 -4.71 -9.78
N ASN A 169 15.09 -3.90 -8.73
CA ASN A 169 16.00 -4.12 -7.62
C ASN A 169 15.36 -4.51 -6.29
N LEU A 170 14.05 -4.76 -6.30
CA LEU A 170 13.37 -5.29 -5.12
C LEU A 170 13.72 -6.78 -4.93
N TYR A 171 13.35 -7.36 -3.78
CA TYR A 171 13.54 -8.80 -3.56
C TYR A 171 12.81 -9.62 -4.60
N THR A 172 11.70 -9.07 -5.09
CA THR A 172 10.79 -9.73 -6.02
C THR A 172 11.14 -9.41 -7.48
N SER A 173 12.38 -8.97 -7.73
CA SER A 173 12.84 -8.64 -9.07
C SER A 173 12.45 -9.75 -10.06
N GLY A 174 11.83 -9.37 -11.16
CA GLY A 174 11.47 -10.31 -12.22
C GLY A 174 10.23 -11.15 -11.97
N GLN A 175 9.50 -10.86 -10.90
CA GLN A 175 8.26 -11.55 -10.59
C GLN A 175 7.05 -10.65 -10.78
N PRO A 176 5.90 -11.25 -11.13
CA PRO A 176 4.69 -10.45 -11.25
C PRO A 176 4.27 -9.94 -9.90
N ASP A 177 3.74 -8.73 -9.86
CA ASP A 177 3.20 -8.19 -8.62
C ASP A 177 2.03 -9.03 -8.12
N PRO A 178 1.77 -9.00 -6.80
CA PRO A 178 0.63 -9.71 -6.26
C PRO A 178 -0.70 -9.16 -6.82
N ASP A 179 -1.55 -10.07 -7.26
CA ASP A 179 -2.89 -9.71 -7.70
C ASP A 179 -3.87 -9.65 -6.53
N LEU A 180 -3.63 -10.49 -5.53
CA LEU A 180 -4.54 -10.68 -4.41
C LEU A 180 -3.72 -10.75 -3.13
N VAL A 181 -4.08 -9.94 -2.15
CA VAL A 181 -3.44 -9.98 -0.84
C VAL A 181 -4.50 -10.36 0.19
N ILE A 182 -4.24 -11.45 0.91
CA ILE A 182 -5.16 -12.00 1.91
C ILE A 182 -4.63 -11.61 3.29
N ARG A 183 -5.49 -10.99 4.13
CA ARG A 183 -5.15 -10.79 5.54
C ARG A 183 -6.21 -11.39 6.44
N THR A 184 -5.76 -11.94 7.55
CA THR A 184 -6.61 -12.61 8.48
C THR A 184 -6.82 -11.78 9.74
N SER A 185 -7.57 -12.31 10.69
CA SER A 185 -7.74 -11.70 12.02
C SER A 185 -8.52 -10.39 12.00
N GLY A 186 -9.29 -10.16 10.96
CA GLY A 186 -10.07 -8.94 10.84
C GLY A 186 -9.20 -7.70 10.69
N GLU A 187 -7.89 -7.88 10.48
CA GLU A 187 -6.95 -6.77 10.40
C GLU A 187 -7.08 -6.11 9.02
N GLN A 188 -7.52 -4.87 8.95
CA GLN A 188 -7.71 -4.21 7.65
C GLN A 188 -6.60 -3.21 7.36
N ARG A 189 -5.39 -3.75 7.23
CA ARG A 189 -4.18 -2.99 6.92
C ARG A 189 -3.21 -3.84 6.12
N LEU A 190 -2.24 -3.16 5.53
CA LEU A 190 -1.23 -3.76 4.66
C LEU A 190 0.07 -4.01 5.44
N SER A 191 0.32 -3.15 6.44
CA SER A 191 1.51 -3.17 7.28
C SER A 191 2.82 -3.19 6.48
N GLY A 192 2.79 -2.56 5.33
CA GLY A 192 3.98 -2.43 4.50
C GLY A 192 4.41 -3.69 3.79
N PHE A 193 3.60 -4.74 3.81
CA PHE A 193 3.98 -6.03 3.22
C PHE A 193 3.95 -5.88 1.70
N LEU A 194 5.09 -6.12 1.06
CA LEU A 194 5.21 -5.96 -0.37
C LEU A 194 4.62 -4.60 -0.75
N LEU A 195 5.11 -3.57 -0.05
CA LEU A 195 4.56 -2.23 -0.16
C LEU A 195 4.54 -1.71 -1.60
N TRP A 196 5.69 -1.70 -2.25
CA TRP A 196 5.78 -1.19 -3.61
C TRP A 196 4.95 -2.04 -4.56
N GLN A 197 5.13 -3.35 -4.42
CA GLN A 197 4.57 -4.32 -5.34
C GLN A 197 3.06 -4.41 -5.30
N SER A 198 2.44 -4.11 -4.16
CA SER A 198 1.00 -4.34 -3.99
C SER A 198 0.16 -3.08 -4.20
N ALA A 199 0.76 -2.07 -4.82
CA ALA A 199 0.11 -0.79 -5.03
C ALA A 199 -1.25 -0.96 -5.69
N TYR A 200 -1.36 -1.93 -6.60
CA TYR A 200 -2.61 -2.15 -7.34
C TYR A 200 -3.28 -3.50 -7.06
N SER A 201 -2.92 -4.11 -5.93
CA SER A 201 -3.45 -5.40 -5.55
C SER A 201 -4.86 -5.34 -4.97
N GLU A 202 -5.64 -6.38 -5.26
CA GLU A 202 -6.92 -6.58 -4.62
C GLU A 202 -6.66 -7.07 -3.21
N MET A 203 -7.40 -6.49 -2.25
CA MET A 203 -7.31 -6.89 -0.83
CA MET A 203 -7.28 -6.91 -0.85
C MET A 203 -8.49 -7.75 -0.45
N TRP A 204 -8.25 -8.81 0.31
CA TRP A 204 -9.32 -9.65 0.79
C TRP A 204 -9.08 -9.96 2.27
N PHE A 205 -10.14 -9.84 3.06
CA PHE A 205 -10.05 -9.90 4.52
C PHE A 205 -10.97 -11.00 5.08
N THR A 206 -10.48 -11.71 6.09
CA THR A 206 -11.33 -12.60 6.88
C THR A 206 -11.13 -12.31 8.36
N GLU A 207 -12.16 -12.60 9.16
CA GLU A 207 -12.06 -12.42 10.61
C GLU A 207 -11.26 -13.54 11.25
N ALA A 208 -11.24 -14.71 10.60
CA ALA A 208 -10.56 -15.88 11.16
C ALA A 208 -9.09 -15.57 11.40
N HIS A 209 -8.56 -16.02 12.53
CA HIS A 209 -7.12 -16.00 12.77
C HIS A 209 -6.45 -17.01 11.86
N TRP A 210 -5.18 -16.77 11.52
CA TRP A 210 -4.49 -17.60 10.53
C TRP A 210 -4.51 -19.11 10.84
N PRO A 211 -4.21 -19.52 12.08
CA PRO A 211 -4.25 -20.97 12.33
C PRO A 211 -5.62 -21.61 12.07
N ALA A 212 -6.68 -20.80 12.02
CA ALA A 212 -8.04 -21.26 11.81
C ALA A 212 -8.48 -21.18 10.35
N PHE A 213 -7.58 -20.74 9.47
CA PHE A 213 -7.86 -20.56 8.06
C PHE A 213 -8.11 -21.92 7.41
N ARG A 214 -9.16 -22.00 6.60
CA ARG A 214 -9.62 -23.25 6.06
C ARG A 214 -9.62 -23.20 4.55
N HIS A 215 -9.62 -24.38 3.93
CA HIS A 215 -9.71 -24.46 2.47
C HIS A 215 -10.93 -23.70 1.96
N VAL A 216 -12.05 -23.74 2.68
CA VAL A 216 -13.24 -23.01 2.18
C VAL A 216 -13.05 -21.50 2.24
N ASP A 217 -12.24 -21.03 3.17
CA ASP A 217 -11.86 -19.61 3.21
C ASP A 217 -11.04 -19.25 1.94
N PHE A 218 -10.12 -20.12 1.58
CA PHE A 218 -9.35 -19.96 0.34
C PHE A 218 -10.29 -19.93 -0.88
N LEU A 219 -11.24 -20.86 -0.94
CA LEU A 219 -12.22 -20.86 -2.02
C LEU A 219 -13.00 -19.55 -2.11
N ARG A 220 -13.36 -19.00 -0.95
CA ARG A 220 -14.10 -17.74 -0.91
C ARG A 220 -13.26 -16.61 -1.45
N ALA A 221 -12.00 -16.54 -1.02
CA ALA A 221 -11.05 -15.53 -1.53
C ALA A 221 -10.95 -15.56 -3.05
N LEU A 222 -10.78 -16.75 -3.62
CA LEU A 222 -10.69 -16.89 -5.07
C LEU A 222 -12.00 -16.53 -5.78
N ARG A 223 -13.11 -16.93 -5.17
CA ARG A 223 -14.45 -16.60 -5.68
C ARG A 223 -14.66 -15.11 -5.72
N ASP A 224 -14.35 -14.44 -4.62
CA ASP A 224 -14.49 -12.98 -4.53
C ASP A 224 -13.58 -12.30 -5.55
N TYR A 225 -12.34 -12.79 -5.68
CA TYR A 225 -11.38 -12.21 -6.61
C TYR A 225 -11.92 -12.29 -8.03
N SER A 226 -12.43 -13.46 -8.41
CA SER A 226 -12.99 -13.67 -9.75
C SER A 226 -14.18 -12.73 -10.02
N ALA A 227 -15.04 -12.57 -9.01
CA ALA A 227 -16.20 -11.68 -9.08
C ALA A 227 -15.83 -10.22 -9.33
N ARG A 228 -14.70 -9.79 -8.77
CA ARG A 228 -14.19 -8.44 -8.95
C ARG A 228 -13.53 -8.31 -10.32
N SER B 1 -12.87 11.04 21.96
CA SER B 1 -13.01 10.55 20.55
C SER B 1 -11.67 10.16 19.93
N ASP B 2 -11.49 8.88 19.62
CA ASP B 2 -10.28 8.43 18.91
C ASP B 2 -10.46 8.73 17.43
N LEU B 3 -10.17 9.96 17.05
CA LEU B 3 -10.32 10.40 15.67
C LEU B 3 -9.03 10.18 14.90
N PRO B 4 -9.15 9.84 13.62
CA PRO B 4 -7.99 9.93 12.77
C PRO B 4 -7.44 11.35 12.77
N ARG B 5 -6.12 11.49 12.78
CA ARG B 5 -5.51 12.78 12.52
C ARG B 5 -5.62 13.11 11.04
N HIS B 6 -5.42 12.12 10.19
CA HIS B 6 -5.38 12.32 8.74
C HIS B 6 -6.26 11.28 8.10
N ILE B 7 -7.33 11.71 7.41
CA ILE B 7 -8.19 10.80 6.64
CA ILE B 7 -8.19 10.81 6.67
C ILE B 7 -7.93 11.01 5.15
N ALA B 8 -7.81 9.91 4.42
CA ALA B 8 -7.62 9.98 2.98
C ALA B 8 -8.79 9.29 2.30
N VAL B 9 -9.29 9.90 1.22
CA VAL B 9 -10.51 9.43 0.58
C VAL B 9 -10.28 9.20 -0.92
N LEU B 10 -10.58 7.99 -1.37
CA LEU B 10 -10.58 7.67 -2.79
C LEU B 10 -12.05 7.66 -3.20
N CYS B 11 -12.42 8.65 -3.99
CA CYS B 11 -13.81 8.96 -4.32
C CYS B 11 -14.28 8.15 -5.54
N ASP B 12 -14.34 6.84 -5.38
CA ASP B 12 -14.66 5.98 -6.50
C ASP B 12 -16.16 5.84 -6.73
N GLY B 13 -16.53 5.53 -7.96
CA GLY B 13 -17.89 5.15 -8.30
C GLY B 13 -18.75 6.24 -8.91
N ASN B 14 -18.16 7.36 -9.31
CA ASN B 14 -18.97 8.48 -9.80
C ASN B 14 -19.75 8.17 -11.07
N ARG B 15 -19.09 7.59 -12.06
CA ARG B 15 -19.76 7.26 -13.31
C ARG B 15 -20.73 6.08 -13.14
N ARG B 16 -20.33 5.06 -12.37
CA ARG B 16 -21.22 3.93 -12.09
C ARG B 16 -22.48 4.38 -11.36
N TRP B 17 -22.32 5.32 -10.44
CA TRP B 17 -23.47 5.88 -9.75
C TRP B 17 -24.45 6.53 -10.73
N ALA B 18 -23.91 7.28 -11.69
CA ALA B 18 -24.73 8.01 -12.65
C ALA B 18 -25.49 7.04 -13.55
N ARG B 19 -24.78 6.03 -14.06
CA ARG B 19 -25.39 5.01 -14.90
C ARG B 19 -26.48 4.26 -14.16
N SER B 20 -26.21 3.89 -12.91
CA SER B 20 -27.17 3.15 -12.11
C SER B 20 -28.44 3.97 -11.86
N ALA B 21 -28.27 5.28 -11.68
CA ALA B 21 -29.36 6.21 -11.44
C ALA B 21 -30.05 6.70 -12.73
N GLY B 22 -29.69 6.11 -13.87
CA GLY B 22 -30.35 6.41 -15.14
C GLY B 22 -29.95 7.71 -15.80
N TYR B 23 -28.76 8.24 -15.47
CA TYR B 23 -28.21 9.39 -16.17
C TYR B 23 -27.44 8.91 -17.39
N ASP B 24 -27.78 9.43 -18.56
CA ASP B 24 -27.13 8.99 -19.80
C ASP B 24 -25.74 9.60 -19.91
N ASP B 25 -25.58 10.84 -19.43
CA ASP B 25 -24.29 11.51 -19.44
C ASP B 25 -23.60 11.33 -18.09
N VAL B 26 -22.58 10.49 -18.08
CA VAL B 26 -21.94 10.08 -16.81
C VAL B 26 -21.03 11.14 -16.16
N SER B 27 -20.67 12.19 -16.90
CA SER B 27 -19.99 13.36 -16.34
C SER B 27 -20.78 13.91 -15.16
N TYR B 28 -22.10 13.76 -15.24
CA TYR B 28 -22.97 14.20 -14.17
C TYR B 28 -22.58 13.56 -12.84
N GLY B 29 -22.16 12.30 -12.86
CA GLY B 29 -21.64 11.66 -11.65
C GLY B 29 -20.50 12.44 -11.02
N TYR B 30 -19.61 12.99 -11.86
CA TYR B 30 -18.50 13.77 -11.33
C TYR B 30 -19.02 15.02 -10.65
N ARG B 31 -20.07 15.63 -11.18
CA ARG B 31 -20.62 16.84 -10.54
C ARG B 31 -21.26 16.54 -9.19
N MET B 32 -22.00 15.44 -9.11
CA MET B 32 -22.54 15.02 -7.82
C MET B 32 -21.41 14.64 -6.88
N GLY B 33 -20.38 13.98 -7.40
CA GLY B 33 -19.21 13.64 -6.60
C GLY B 33 -18.48 14.87 -6.05
N ALA B 34 -18.39 15.92 -6.86
CA ALA B 34 -17.76 17.16 -6.46
C ALA B 34 -18.52 17.81 -5.30
N ALA B 35 -19.84 17.81 -5.41
CA ALA B 35 -20.67 18.35 -4.33
C ALA B 35 -20.40 17.56 -3.03
N LYS B 36 -20.23 16.25 -3.15
CA LYS B 36 -20.01 15.40 -1.99
C LYS B 36 -18.62 15.60 -1.37
N ILE B 37 -17.63 15.87 -2.21
CA ILE B 37 -16.29 16.20 -1.70
C ILE B 37 -16.37 17.40 -0.75
N ALA B 38 -17.04 18.47 -1.16
CA ALA B 38 -17.14 19.64 -0.30
C ALA B 38 -17.80 19.30 1.03
N GLU B 39 -18.87 18.50 0.97
CA GLU B 39 -19.61 18.11 2.16
C GLU B 39 -18.75 17.21 3.08
N MET B 40 -18.06 16.25 2.49
CA MET B 40 -17.17 15.38 3.29
C MET B 40 -16.15 16.20 4.06
N LEU B 41 -15.58 17.18 3.39
CA LEU B 41 -14.56 18.01 4.00
C LEU B 41 -15.14 18.86 5.14
N ARG B 42 -16.36 19.36 4.95
CA ARG B 42 -17.09 19.99 6.04
C ARG B 42 -17.26 19.05 7.22
N TRP B 43 -17.71 17.83 6.95
CA TRP B 43 -17.86 16.85 8.01
C TRP B 43 -16.55 16.59 8.74
N CYS B 44 -15.45 16.48 8.00
CA CYS B 44 -14.14 16.24 8.61
C CYS B 44 -13.75 17.39 9.51
N HIS B 45 -13.94 18.61 9.02
CA HIS B 45 -13.58 19.82 9.78
C HIS B 45 -14.40 19.87 11.07
N GLU B 46 -15.71 19.70 10.94
CA GLU B 46 -16.60 19.77 12.08
C GLU B 46 -16.32 18.68 13.13
N ALA B 47 -15.88 17.53 12.66
CA ALA B 47 -15.57 16.39 13.52
C ALA B 47 -14.24 16.55 14.25
N GLY B 48 -13.39 17.47 13.80
CA GLY B 48 -12.10 17.73 14.46
C GLY B 48 -10.93 17.00 13.83
N ILE B 49 -11.13 16.49 12.61
CA ILE B 49 -10.06 15.86 11.86
C ILE B 49 -9.12 16.97 11.38
N GLU B 50 -7.81 16.77 11.56
CA GLU B 50 -6.83 17.82 11.27
C GLU B 50 -6.46 17.97 9.80
N LEU B 51 -6.43 16.86 9.07
CA LEU B 51 -5.96 16.82 7.68
C LEU B 51 -6.78 15.82 6.91
N ALA B 52 -7.25 16.21 5.72
CA ALA B 52 -7.95 15.28 4.81
C ALA B 52 -7.28 15.37 3.46
N THR B 53 -7.04 14.21 2.84
CA THR B 53 -6.53 14.16 1.48
C THR B 53 -7.58 13.54 0.58
N VAL B 54 -7.93 14.24 -0.50
CA VAL B 54 -8.92 13.72 -1.45
C VAL B 54 -8.25 13.40 -2.78
N TYR B 55 -8.55 12.22 -3.33
CA TYR B 55 -7.96 11.79 -4.59
C TYR B 55 -8.85 12.29 -5.71
N LEU B 56 -8.38 13.31 -6.42
CA LEU B 56 -9.15 13.93 -7.51
C LEU B 56 -8.80 13.45 -8.90
N LEU B 57 -7.52 13.18 -9.15
CA LEU B 57 -7.07 12.77 -10.48
C LEU B 57 -5.77 11.99 -10.45
N SER B 58 -5.83 10.73 -10.87
CA SER B 58 -4.65 9.89 -10.97
C SER B 58 -4.04 10.07 -12.35
N THR B 59 -2.76 9.73 -12.48
CA THR B 59 -2.12 9.72 -13.78
C THR B 59 -2.86 8.81 -14.78
N GLU B 60 -3.42 7.70 -14.28
CA GLU B 60 -4.22 6.79 -15.09
C GLU B 60 -5.50 7.45 -15.63
N ASN B 61 -6.14 8.30 -14.83
CA ASN B 61 -7.40 8.95 -15.21
C ASN B 61 -7.27 9.88 -16.42
N LEU B 62 -6.04 10.30 -16.70
CA LEU B 62 -5.73 11.18 -17.82
C LEU B 62 -5.84 10.46 -19.17
N GLN B 63 -6.08 9.15 -19.13
CA GLN B 63 -6.21 8.32 -20.32
C GLN B 63 -7.64 8.29 -20.86
N ARG B 64 -8.53 9.05 -20.23
CA ARG B 64 -9.95 9.03 -20.62
C ARG B 64 -10.24 9.92 -21.81
N ASP B 65 -11.43 9.75 -22.37
CA ASP B 65 -11.95 10.56 -23.47
C ASP B 65 -11.74 12.06 -23.22
N PRO B 66 -11.35 12.83 -24.27
CA PRO B 66 -11.15 14.28 -24.13
C PRO B 66 -12.35 15.07 -23.59
N ASP B 67 -13.56 14.79 -24.10
CA ASP B 67 -14.75 15.51 -23.62
C ASP B 67 -15.03 15.22 -22.15
N GLU B 68 -14.91 13.95 -21.79
CA GLU B 68 -15.08 13.53 -20.41
C GLU B 68 -13.98 14.12 -19.54
N LEU B 69 -12.73 14.01 -19.99
CA LEU B 69 -11.60 14.54 -19.23
C LEU B 69 -11.71 16.07 -19.11
N ALA B 70 -12.14 16.72 -20.19
CA ALA B 70 -12.30 18.19 -20.17
C ALA B 70 -13.28 18.61 -19.09
N ALA B 71 -14.45 17.97 -19.05
CA ALA B 71 -15.43 18.23 -18.00
C ALA B 71 -14.87 17.93 -16.62
N LEU B 72 -14.27 16.75 -16.46
CA LEU B 72 -13.68 16.36 -15.20
C LEU B 72 -12.66 17.39 -14.68
N ILE B 73 -11.78 17.86 -15.56
CA ILE B 73 -10.76 18.82 -15.14
C ILE B 73 -11.40 20.14 -14.73
N GLU B 74 -12.42 20.59 -15.46
CA GLU B 74 -13.13 21.81 -15.04
C GLU B 74 -13.83 21.62 -13.72
N ILE B 75 -14.45 20.46 -13.54
CA ILE B 75 -15.10 20.14 -12.27
C ILE B 75 -14.11 20.12 -11.10
N ILE B 76 -12.94 19.51 -11.32
CA ILE B 76 -11.89 19.46 -10.31
C ILE B 76 -11.43 20.87 -9.96
N THR B 77 -11.26 21.72 -10.98
CA THR B 77 -10.84 23.09 -10.77
C THR B 77 -11.86 23.81 -9.90
N ASP B 78 -13.15 23.63 -10.20
CA ASP B 78 -14.23 24.21 -9.36
C ASP B 78 -14.17 23.72 -7.93
N VAL B 79 -13.96 22.41 -7.75
CA VAL B 79 -13.88 21.76 -6.44
C VAL B 79 -12.78 22.41 -5.61
N VAL B 80 -11.63 22.57 -6.24
CA VAL B 80 -10.48 23.14 -5.55
C VAL B 80 -10.71 24.62 -5.23
N GLU B 81 -11.31 25.37 -6.15
CA GLU B 81 -11.60 26.77 -5.91
C GLU B 81 -12.55 26.91 -4.71
N GLU B 82 -13.53 26.02 -4.62
CA GLU B 82 -14.41 25.97 -3.44
C GLU B 82 -13.64 25.65 -2.14
N ILE B 83 -12.80 24.62 -2.17
CA ILE B 83 -12.00 24.21 -1.02
C ILE B 83 -11.15 25.41 -0.55
N CYS B 84 -10.66 26.18 -1.51
CA CYS B 84 -9.75 27.30 -1.22
C CYS B 84 -10.45 28.63 -0.92
N ALA B 85 -11.79 28.63 -0.88
CA ALA B 85 -12.55 29.85 -0.63
C ALA B 85 -12.12 30.51 0.68
N PRO B 86 -11.88 31.83 0.68
CA PRO B 86 -11.41 32.45 1.92
C PRO B 86 -12.31 32.21 3.13
N ALA B 87 -13.63 32.07 2.92
CA ALA B 87 -14.56 31.87 4.04
C ALA B 87 -14.32 30.56 4.79
N ASN B 88 -13.72 29.58 4.13
CA ASN B 88 -13.35 28.32 4.79
C ASN B 88 -12.15 28.47 5.75
N HIS B 89 -11.19 29.30 5.38
CA HIS B 89 -9.95 29.47 6.14
C HIS B 89 -9.26 28.12 6.33
N TRP B 90 -9.29 27.31 5.28
CA TRP B 90 -8.57 26.03 5.28
C TRP B 90 -7.21 26.19 4.61
N SER B 91 -6.22 25.48 5.11
CA SER B 91 -4.89 25.41 4.49
C SER B 91 -4.86 24.28 3.48
N VAL B 92 -4.51 24.62 2.25
CA VAL B 92 -4.57 23.65 1.15
C VAL B 92 -3.17 23.41 0.53
N ARG B 93 -2.95 22.17 0.10
CA ARG B 93 -1.69 21.78 -0.55
C ARG B 93 -2.04 20.90 -1.74
N THR B 94 -1.36 21.10 -2.87
CA THR B 94 -1.49 20.20 -4.01
C THR B 94 -0.55 19.02 -3.83
N VAL B 95 -1.08 17.81 -4.05
CA VAL B 95 -0.32 16.57 -3.95
C VAL B 95 -0.36 15.93 -5.34
N GLY B 96 0.72 16.08 -6.08
CA GLY B 96 0.78 15.58 -7.46
C GLY B 96 1.38 16.61 -8.40
N ASP B 97 1.35 16.29 -9.70
CA ASP B 97 2.05 17.07 -10.72
C ASP B 97 1.05 17.80 -11.58
N LEU B 98 0.90 19.11 -11.36
CA LEU B 98 -0.06 19.90 -12.14
C LEU B 98 0.35 20.06 -13.60
N GLY B 99 1.59 19.74 -13.93
CA GLY B 99 2.04 19.73 -15.33
C GLY B 99 1.29 18.72 -16.19
N LEU B 100 0.62 17.78 -15.56
CA LEU B 100 -0.17 16.77 -16.28
C LEU B 100 -1.59 17.20 -16.68
N ILE B 101 -2.11 18.34 -16.20
CA ILE B 101 -3.53 18.72 -16.46
C ILE B 101 -3.80 19.90 -17.41
N GLY B 102 -2.75 20.45 -18.01
CA GLY B 102 -2.93 21.55 -18.97
C GLY B 102 -2.64 22.89 -18.31
N GLU B 103 -2.11 23.81 -19.09
CA GLU B 103 -1.64 25.08 -18.56
C GLU B 103 -2.72 25.91 -17.91
N GLU B 104 -3.87 26.05 -18.54
CA GLU B 104 -4.88 26.96 -18.00
C GLU B 104 -5.52 26.44 -16.69
N PRO B 105 -5.93 25.16 -16.64
CA PRO B 105 -6.38 24.60 -15.35
C PRO B 105 -5.29 24.63 -14.29
N ALA B 106 -4.07 24.28 -14.66
CA ALA B 106 -2.95 24.32 -13.71
C ALA B 106 -2.78 25.71 -13.09
N ARG B 107 -2.88 26.73 -13.93
CA ARG B 107 -2.78 28.12 -13.46
C ARG B 107 -3.88 28.42 -12.40
N ARG B 108 -5.11 28.00 -12.67
CA ARG B 108 -6.24 28.25 -11.79
C ARG B 108 -6.10 27.52 -10.46
N LEU B 109 -5.67 26.25 -10.54
CA LEU B 109 -5.51 25.43 -9.35
C LEU B 109 -4.40 26.02 -8.47
N ARG B 110 -3.28 26.35 -9.07
CA ARG B 110 -2.16 26.86 -8.30
C ARG B 110 -2.55 28.20 -7.63
N GLY B 111 -3.23 29.07 -8.37
CA GLY B 111 -3.68 30.37 -7.83
C GLY B 111 -4.56 30.17 -6.60
N ALA B 112 -5.49 29.24 -6.71
CA ALA B 112 -6.41 28.96 -5.61
C ALA B 112 -5.65 28.46 -4.39
N VAL B 113 -4.80 27.46 -4.59
CA VAL B 113 -4.11 26.84 -3.46
C VAL B 113 -3.16 27.84 -2.80
N GLU B 114 -2.43 28.60 -3.61
CA GLU B 114 -1.52 29.64 -3.09
C GLU B 114 -2.21 30.72 -2.27
N SER B 115 -3.50 30.94 -2.52
CA SER B 115 -4.27 31.95 -1.82
C SER B 115 -4.66 31.54 -0.40
N THR B 116 -4.48 30.27 -0.05
CA THR B 116 -4.91 29.77 1.26
C THR B 116 -3.83 30.02 2.30
N PRO B 117 -4.22 30.07 3.58
CA PRO B 117 -3.26 30.26 4.66
C PRO B 117 -2.32 29.07 4.85
N GLU B 118 -1.09 29.33 5.30
CA GLU B 118 -0.17 28.27 5.69
C GLU B 118 -0.61 27.66 7.02
N VAL B 119 -1.05 28.51 7.93
CA VAL B 119 -1.50 28.06 9.24
C VAL B 119 -3.02 28.14 9.34
N ALA B 120 -3.62 27.03 9.74
CA ALA B 120 -5.06 26.94 9.89
C ALA B 120 -5.38 25.71 10.74
N SER B 121 -6.61 25.64 11.23
CA SER B 121 -7.06 24.53 12.07
CA SER B 121 -7.02 24.52 12.07
C SER B 121 -7.35 23.29 11.25
N PHE B 122 -7.75 23.47 9.99
CA PHE B 122 -8.06 22.35 9.11
C PHE B 122 -7.24 22.43 7.83
N HIS B 123 -6.70 21.29 7.39
CA HIS B 123 -5.82 21.23 6.23
C HIS B 123 -6.39 20.24 5.24
N VAL B 124 -6.34 20.60 3.95
CA VAL B 124 -6.80 19.70 2.88
C VAL B 124 -5.71 19.52 1.83
N ASN B 125 -5.38 18.27 1.51
CA ASN B 125 -4.52 17.96 0.38
C ASN B 125 -5.41 17.57 -0.77
N VAL B 126 -5.19 18.20 -1.93
CA VAL B 126 -5.90 17.82 -3.13
C VAL B 126 -4.94 17.07 -4.05
N ALA B 127 -5.25 15.80 -4.28
CA ALA B 127 -4.36 14.96 -5.07
C ALA B 127 -4.76 14.97 -6.54
N VAL B 128 -3.94 15.63 -7.34
CA VAL B 128 -4.20 15.89 -8.75
C VAL B 128 -2.94 15.57 -9.56
N GLY B 129 -3.07 14.73 -10.59
CA GLY B 129 -1.90 14.30 -11.34
C GLY B 129 -0.93 13.53 -10.46
N TYR B 130 -1.46 12.58 -9.71
CA TYR B 130 -0.73 11.88 -8.66
C TYR B 130 -0.56 10.40 -9.00
N GLY B 131 0.66 9.89 -8.76
CA GLY B 131 0.93 8.45 -8.77
C GLY B 131 1.89 8.10 -7.66
N GLY B 132 1.60 7.03 -6.91
CA GLY B 132 2.36 6.72 -5.70
C GLY B 132 3.80 6.27 -5.89
N ARG B 133 4.05 5.42 -6.88
CA ARG B 133 5.41 4.99 -7.17
C ARG B 133 6.24 6.17 -7.71
N ARG B 134 5.64 6.95 -8.58
CA ARG B 134 6.30 8.17 -9.10
C ARG B 134 6.66 9.13 -7.97
N GLU B 135 5.76 9.29 -7.01
CA GLU B 135 6.02 10.16 -5.87
C GLU B 135 7.28 9.73 -5.14
N ILE B 136 7.41 8.41 -4.91
CA ILE B 136 8.59 7.87 -4.23
C ILE B 136 9.86 8.16 -5.04
N VAL B 137 9.78 7.94 -6.34
CA VAL B 137 10.93 8.20 -7.23
C VAL B 137 11.35 9.66 -7.15
N ASP B 138 10.37 10.55 -7.19
CA ASP B 138 10.66 11.99 -7.15
C ASP B 138 11.20 12.42 -5.79
N ALA B 139 10.71 11.80 -4.73
CA ALA B 139 11.26 12.01 -3.37
C ALA B 139 12.73 11.59 -3.29
N VAL B 140 13.06 10.44 -3.85
CA VAL B 140 14.44 9.96 -3.84
C VAL B 140 15.34 10.90 -4.65
N ARG B 141 14.83 11.38 -5.79
CA ARG B 141 15.58 12.31 -6.61
C ARG B 141 15.84 13.62 -5.86
N ALA B 142 14.80 14.15 -5.23
CA ALA B 142 14.91 15.35 -4.42
C ALA B 142 15.95 15.15 -3.32
N LEU B 143 15.84 14.05 -2.59
CA LEU B 143 16.79 13.72 -1.52
C LEU B 143 18.24 13.70 -2.00
N LEU B 144 18.50 13.00 -3.11
CA LEU B 144 19.86 12.88 -3.65
C LEU B 144 20.41 14.22 -4.16
N SER B 145 19.55 15.01 -4.80
CA SER B 145 19.95 16.33 -5.30
C SER B 145 20.36 17.22 -4.14
N LYS B 146 19.67 17.09 -3.00
CA LYS B 146 20.02 17.89 -1.82
C LYS B 146 21.34 17.44 -1.23
N GLU B 147 21.59 16.13 -1.21
CA GLU B 147 22.86 15.62 -0.74
C GLU B 147 24.00 16.07 -1.65
N LEU B 148 23.77 16.03 -2.95
CA LEU B 148 24.78 16.52 -3.90
C LEU B 148 25.03 18.00 -3.69
N ALA B 149 23.97 18.77 -3.50
CA ALA B 149 24.10 20.21 -3.21
C ALA B 149 24.90 20.49 -1.94
N ASN B 150 24.72 19.64 -0.93
CA ASN B 150 25.48 19.74 0.32
C ASN B 150 26.91 19.21 0.19
N GLY B 151 27.26 18.66 -0.98
CA GLY B 151 28.64 18.34 -1.30
C GLY B 151 29.01 16.87 -1.27
N ALA B 152 28.01 16.00 -1.24
CA ALA B 152 28.25 14.56 -1.22
C ALA B 152 28.92 14.08 -2.51
N THR B 153 29.85 13.13 -2.37
CA THR B 153 30.47 12.44 -3.51
C THR B 153 29.53 11.34 -4.00
N ALA B 154 29.80 10.82 -5.20
CA ALA B 154 28.98 9.76 -5.79
C ALA B 154 28.98 8.54 -4.88
N GLU B 155 30.15 8.21 -4.35
CA GLU B 155 30.29 7.08 -3.43
C GLU B 155 29.33 7.27 -2.25
N GLU B 156 29.27 8.51 -1.75
CA GLU B 156 28.43 8.83 -0.60
C GLU B 156 26.94 8.81 -0.93
N LEU B 157 26.60 9.17 -2.16
CA LEU B 157 25.20 9.16 -2.59
C LEU B 157 24.62 7.75 -2.56
N VAL B 158 25.40 6.76 -2.97
CA VAL B 158 24.93 5.38 -3.03
C VAL B 158 24.25 4.96 -1.72
N ASP B 159 24.79 5.45 -0.59
CA ASP B 159 24.27 5.08 0.75
C ASP B 159 23.57 6.24 1.49
N ALA B 160 23.21 7.30 0.78
CA ALA B 160 22.51 8.45 1.38
C ALA B 160 21.01 8.22 1.63
N VAL B 161 20.40 7.25 0.95
CA VAL B 161 18.95 7.10 0.98
C VAL B 161 18.51 6.39 2.26
N THR B 162 17.54 6.97 2.95
CA THR B 162 16.99 6.38 4.17
C THR B 162 15.48 6.48 4.17
N VAL B 163 14.82 5.71 5.03
CA VAL B 163 13.37 5.78 5.14
C VAL B 163 12.93 7.18 5.48
N GLU B 164 13.57 7.78 6.49
CA GLU B 164 13.23 9.14 6.93
C GLU B 164 13.45 10.17 5.82
N GLY B 165 14.53 10.02 5.07
CA GLY B 165 14.84 10.87 3.92
C GLY B 165 13.78 10.86 2.84
N ILE B 166 13.27 9.67 2.50
CA ILE B 166 12.19 9.58 1.54
C ILE B 166 10.93 10.26 2.10
N SER B 167 10.53 9.92 3.31
CA SER B 167 9.33 10.52 3.92
C SER B 167 9.38 12.06 3.91
N GLU B 168 10.55 12.61 4.20
CA GLU B 168 10.73 14.07 4.28
C GLU B 168 10.72 14.77 2.90
N ASN B 169 10.75 13.99 1.82
CA ASN B 169 10.78 14.56 0.48
C ASN B 169 9.56 14.21 -0.39
N LEU B 170 8.54 13.58 0.21
CA LEU B 170 7.29 13.31 -0.51
C LEU B 170 6.47 14.60 -0.59
N TYR B 171 5.37 14.59 -1.35
CA TYR B 171 4.46 15.74 -1.38
C TYR B 171 3.91 16.09 -0.01
N THR B 172 3.77 15.08 0.85
CA THR B 172 3.19 15.19 2.18
C THR B 172 4.24 15.49 3.27
N SER B 173 5.43 15.92 2.85
CA SER B 173 6.49 16.28 3.78
C SER B 173 5.92 17.13 4.92
N GLY B 174 6.26 16.78 6.14
CA GLY B 174 5.85 17.57 7.31
C GLY B 174 4.43 17.32 7.78
N GLN B 175 3.75 16.36 7.18
CA GLN B 175 2.37 16.01 7.54
C GLN B 175 2.33 14.62 8.12
N PRO B 176 1.38 14.36 9.01
CA PRO B 176 1.23 13.00 9.47
C PRO B 176 0.70 12.09 8.39
N ASP B 177 1.14 10.84 8.41
CA ASP B 177 0.62 9.84 7.50
C ASP B 177 -0.88 9.62 7.72
N PRO B 178 -1.59 9.14 6.68
CA PRO B 178 -3.00 8.85 6.86
C PRO B 178 -3.23 7.76 7.88
N ASP B 179 -4.20 7.98 8.78
CA ASP B 179 -4.59 6.98 9.77
C ASP B 179 -5.70 6.06 9.24
N LEU B 180 -6.54 6.64 8.39
CA LEU B 180 -7.71 5.98 7.86
C LEU B 180 -7.83 6.29 6.40
N VAL B 181 -7.99 5.27 5.59
CA VAL B 181 -8.20 5.42 4.15
C VAL B 181 -9.56 4.85 3.79
N ILE B 182 -10.40 5.68 3.17
CA ILE B 182 -11.77 5.29 2.84
C ILE B 182 -11.85 5.07 1.34
N ARG B 183 -12.39 3.92 0.90
CA ARG B 183 -12.70 3.75 -0.53
C ARG B 183 -14.14 3.24 -0.71
N THR B 184 -14.78 3.75 -1.76
CA THR B 184 -16.19 3.51 -2.01
C THR B 184 -16.36 2.56 -3.21
N SER B 185 -17.62 2.27 -3.54
CA SER B 185 -17.98 1.43 -4.69
CA SER B 185 -17.99 1.46 -4.69
C SER B 185 -17.52 -0.01 -4.54
N GLY B 186 -17.31 -0.44 -3.30
CA GLY B 186 -16.87 -1.81 -3.01
C GLY B 186 -15.48 -2.15 -3.53
N GLU B 187 -14.68 -1.12 -3.85
CA GLU B 187 -13.34 -1.30 -4.43
C GLU B 187 -12.30 -1.52 -3.33
N GLN B 188 -11.77 -2.74 -3.22
CA GLN B 188 -10.81 -3.06 -2.17
C GLN B 188 -9.35 -3.06 -2.65
N ARG B 189 -8.89 -1.87 -3.01
CA ARG B 189 -7.51 -1.63 -3.40
C ARG B 189 -7.13 -0.20 -3.07
N LEU B 190 -5.82 0.06 -3.06
CA LEU B 190 -5.30 1.37 -2.72
C LEU B 190 -4.89 2.16 -3.96
N SER B 191 -4.68 1.46 -5.08
CA SER B 191 -4.30 2.04 -6.36
C SER B 191 -3.09 2.99 -6.30
N GLY B 192 -2.16 2.67 -5.42
CA GLY B 192 -0.97 3.50 -5.25
C GLY B 192 -1.21 4.85 -4.61
N PHE B 193 -2.41 5.11 -4.09
CA PHE B 193 -2.72 6.40 -3.46
C PHE B 193 -1.98 6.56 -2.14
N LEU B 194 -1.14 7.60 -2.04
CA LEU B 194 -0.27 7.82 -0.88
C LEU B 194 0.41 6.49 -0.54
N LEU B 195 1.02 5.90 -1.56
CA LEU B 195 1.59 4.56 -1.43
C LEU B 195 2.54 4.43 -0.24
N TRP B 196 3.57 5.27 -0.17
CA TRP B 196 4.53 5.17 0.93
C TRP B 196 3.87 5.46 2.27
N GLN B 197 3.08 6.51 2.28
CA GLN B 197 2.53 7.07 3.49
C GLN B 197 1.49 6.19 4.14
N SER B 198 0.78 5.39 3.35
N SER B 198 0.80 5.39 3.31
CA SER B 198 -0.32 4.58 3.87
CA SER B 198 -0.34 4.56 3.76
C SER B 198 0.06 3.14 4.20
C SER B 198 0.06 3.15 4.21
N ALA B 199 1.36 2.90 4.33
CA ALA B 199 1.87 1.57 4.66
C ALA B 199 1.21 0.96 5.91
N TYR B 200 0.89 1.81 6.88
CA TYR B 200 0.31 1.30 8.15
C TYR B 200 -1.12 1.84 8.40
N SER B 201 -1.76 2.38 7.35
CA SER B 201 -3.12 2.94 7.47
C SER B 201 -4.20 1.89 7.66
N GLU B 202 -5.23 2.24 8.43
CA GLU B 202 -6.46 1.46 8.48
C GLU B 202 -7.24 1.68 7.19
N MET B 203 -7.68 0.59 6.55
CA MET B 203 -8.53 0.67 5.37
CA MET B 203 -8.52 0.64 5.36
C MET B 203 -9.99 0.44 5.75
N TRP B 204 -10.87 1.23 5.15
CA TRP B 204 -12.29 1.13 5.41
C TRP B 204 -13.03 1.23 4.08
N PHE B 205 -13.93 0.28 3.84
CA PHE B 205 -14.63 0.18 2.57
C PHE B 205 -16.15 0.27 2.76
N THR B 206 -16.82 0.87 1.79
CA THR B 206 -18.28 0.81 1.70
C THR B 206 -18.67 0.47 0.28
N GLU B 207 -19.84 -0.15 0.14
CA GLU B 207 -20.39 -0.47 -1.17
C GLU B 207 -20.96 0.75 -1.85
N ALA B 208 -21.37 1.74 -1.06
CA ALA B 208 -21.95 2.97 -1.58
C ALA B 208 -20.99 3.60 -2.60
N HIS B 209 -21.52 4.02 -3.74
CA HIS B 209 -20.73 4.80 -4.68
C HIS B 209 -20.49 6.17 -4.08
N TRP B 210 -19.42 6.83 -4.53
CA TRP B 210 -19.03 8.09 -3.91
C TRP B 210 -20.18 9.13 -3.88
N PRO B 211 -20.86 9.35 -5.01
CA PRO B 211 -21.95 10.35 -4.94
C PRO B 211 -23.08 10.02 -3.98
N ALA B 212 -23.18 8.75 -3.58
CA ALA B 212 -24.20 8.27 -2.63
C ALA B 212 -23.70 8.24 -1.19
N PHE B 213 -22.45 8.61 -0.96
CA PHE B 213 -21.83 8.56 0.36
C PHE B 213 -22.48 9.61 1.24
N ARG B 214 -22.94 9.20 2.42
CA ARG B 214 -23.68 10.09 3.31
C ARG B 214 -22.99 10.28 4.66
N HIS B 215 -23.43 11.29 5.40
CA HIS B 215 -22.86 11.54 6.72
C HIS B 215 -22.97 10.33 7.63
N VAL B 216 -24.08 9.61 7.54
CA VAL B 216 -24.23 8.39 8.35
C VAL B 216 -23.13 7.36 8.05
N ASP B 217 -22.71 7.30 6.79
CA ASP B 217 -21.60 6.40 6.38
C ASP B 217 -20.26 6.88 6.94
N PHE B 218 -20.05 8.18 6.89
CA PHE B 218 -18.89 8.82 7.51
C PHE B 218 -18.82 8.50 9.01
N LEU B 219 -19.94 8.62 9.72
CA LEU B 219 -19.99 8.26 11.14
C LEU B 219 -19.67 6.77 11.36
N ARG B 220 -20.16 5.91 10.47
CA ARG B 220 -19.84 4.47 10.50
C ARG B 220 -18.34 4.24 10.37
N ALA B 221 -17.72 4.92 9.41
CA ALA B 221 -16.27 4.85 9.21
C ALA B 221 -15.51 5.24 10.48
N LEU B 222 -15.88 6.37 11.09
CA LEU B 222 -15.25 6.82 12.34
C LEU B 222 -15.51 5.82 13.47
N ARG B 223 -16.71 5.24 13.51
CA ARG B 223 -17.06 4.25 14.54
CA ARG B 223 -17.06 4.26 14.53
C ARG B 223 -16.20 3.00 14.35
N ASP B 224 -16.16 2.49 13.13
CA ASP B 224 -15.37 1.32 12.80
C ASP B 224 -13.88 1.53 13.08
N TYR B 225 -13.35 2.71 12.72
CA TYR B 225 -11.96 3.06 13.02
C TYR B 225 -11.71 3.04 14.51
N SER B 226 -12.59 3.70 15.26
CA SER B 226 -12.45 3.77 16.71
C SER B 226 -12.45 2.36 17.32
N ALA B 227 -13.22 1.46 16.71
CA ALA B 227 -13.33 0.07 17.17
C ALA B 227 -12.19 -0.86 16.73
N ARG B 228 -11.33 -0.40 15.82
CA ARG B 228 -10.19 -1.21 15.36
C ARG B 228 -9.20 -1.43 16.50
P PO4 C . -1.13 -12.21 16.97
O1 PO4 C . -2.39 -12.87 17.41
O2 PO4 C . 0.04 -13.15 16.91
O3 PO4 C . -1.37 -11.68 15.57
O4 PO4 C . -0.74 -11.09 17.90
C1 GOL D . 16.04 -5.27 -1.53
O1 GOL D . 15.16 -4.41 -2.23
C2 GOL D . 17.21 -5.57 -2.44
O2 GOL D . 16.81 -6.57 -3.36
C3 GOL D . 18.44 -6.00 -1.65
O3 GOL D . 19.55 -5.79 -2.47
C1 GOL E . 4.03 -19.77 10.75
O1 GOL E . 4.99 -19.95 11.75
C2 GOL E . 3.12 -18.63 11.18
O2 GOL E . 1.90 -18.71 10.50
C3 GOL E . 3.80 -17.28 10.91
O3 GOL E . 5.20 -17.36 11.21
P PO4 F . -16.38 5.12 -11.84
O1 PO4 F . -17.77 4.69 -11.50
O2 PO4 F . -15.43 4.78 -10.72
O3 PO4 F . -15.95 4.42 -13.11
O4 PO4 F . -16.37 6.61 -12.10
C1 GOL G . 9.30 15.65 -5.00
O1 GOL G . 9.98 16.75 -4.47
C2 GOL G . 7.85 15.65 -4.54
O2 GOL G . 7.76 15.94 -3.16
C3 GOL G . 7.21 14.29 -4.81
O3 GOL G . 7.85 13.30 -4.01
C1 GOL H . -27.41 11.09 6.03
O1 GOL H . -26.24 11.02 6.77
C2 GOL H . -27.55 12.43 5.33
O2 GOL H . -28.07 12.21 4.04
C3 GOL H . -26.28 13.26 5.21
O3 GOL H . -25.43 12.77 4.21
C1 GOL I . 16.65 4.36 8.32
O1 GOL I . 16.42 4.35 6.93
C2 GOL I . 17.37 5.61 8.77
O2 GOL I . 17.97 5.38 10.02
C3 GOL I . 16.40 6.78 8.89
O3 GOL I . 15.24 6.57 8.13
C1 GOL J . 3.31 4.66 -11.92
O1 GOL J . 4.48 3.97 -11.63
C2 GOL J . 2.52 5.07 -10.68
O2 GOL J . 3.14 6.14 -10.01
C3 GOL J . 2.37 3.85 -9.77
O3 GOL J . 1.87 4.18 -8.51
C1 FPP K . -7.73 5.50 -8.54
O1 FPP K . -8.02 4.86 -9.79
C2 FPP K . -8.40 6.71 -8.46
C3 FPP K . -9.53 6.91 -7.65
C4 FPP K . -10.12 5.78 -6.80
C5 FPP K . -10.22 8.28 -7.65
C6 FPP K . -10.83 8.55 -9.01
C7 FPP K . -11.91 9.63 -8.95
C8 FPP K . -12.10 10.48 -10.03
C10 FPP K . -11.22 10.35 -11.28
C9 FPP K . -13.18 11.57 -9.97
C11 FPP K . -13.09 12.37 -8.67
C12 FPP K . -13.39 13.72 -8.88
C13 FPP K . -14.61 14.27 -8.50
C14 FPP K . -15.70 13.43 -7.84
C15 FPP K . -14.87 15.75 -8.76
PA FPP K . -6.92 4.49 -10.78
O1A FPP K . -7.51 4.45 -12.18
O2A FPP K . -5.79 5.49 -10.76
O3A FPP K . -6.30 3.03 -10.41
PB FPP K . -7.22 1.71 -10.55
O1B FPP K . -8.62 2.03 -10.08
O2B FPP K . -7.26 1.27 -12.00
O3B FPP K . -6.61 0.60 -9.70
#